data_8RNH
#
_entry.id   8RNH
#
_cell.length_a   50.750
_cell.length_b   81.627
_cell.length_c   110.556
_cell.angle_alpha   90.000
_cell.angle_beta   90.000
_cell.angle_gamma   90.000
#
_symmetry.space_group_name_H-M   'P 21 21 21'
#
loop_
_entity.id
_entity.type
_entity.pdbx_description
1 polymer 'MHC class I antigen'
2 polymer 'RNA-directed RNA polymerase catalytic subunit'
3 polymer Beta-2-microglobulin
4 non-polymer DI(HYDROXYETHYL)ETHER
5 non-polymer 1,2-ETHANEDIOL
6 water water
#
loop_
_entity_poly.entity_id
_entity_poly.type
_entity_poly.pdbx_seq_one_letter_code
_entity_poly.pdbx_strand_id
1 'polypeptide(L)'
;GSHSMRYFHTSVSRPGRGEPRFISVGYVDGTQFVRFDSDAASPRTEPRAPWIEQEGPEYWDRNTQISKTNTQTYRESLRN
LRGYYNQSEAGSHTLQRMYGCDVGPDGRLLRGHDQSAYDGKDYIALNEDLSSWTAADTAAQITQRKWEAARVAEQLRAYL
EGTCVEWLRRHLENGKETLQRADPPKTHVTHHPISDHEATLRCWALGFYPAEITLTWQRDGEDQTQDTELVETRPAGDRT
FQKWAAVVVPSGEEQRYTCHVQHEGLPKPLTLRWEP
;
A
2 'polypeptide(L)' EEIEITTHF C
3 'polypeptide(L)'
;MIQRTPKIQVYSRHPAENGKSNFLNCYVSGFHPSDIEVDLLKNGERIEKVEHSDLSFSKDWSFYLLYYTEFTPTEKDEYA
CRVNHVTLSQPKIVKWDRDM
;
B
#
loop_
_chem_comp.id
_chem_comp.type
_chem_comp.name
_chem_comp.formula
EDO non-polymer 1,2-ETHANEDIOL 'C2 H6 O2'
PEG non-polymer DI(HYDROXYETHYL)ETHER 'C4 H10 O3'
#
# COMPACT_ATOMS: atom_id res chain seq x y z
N GLY A 1 11.49 16.44 -5.41
CA GLY A 1 11.79 15.16 -6.03
C GLY A 1 10.80 14.83 -7.13
N SER A 2 10.71 13.55 -7.47
CA SER A 2 9.74 13.10 -8.45
CA SER A 2 9.75 13.06 -8.45
C SER A 2 8.44 12.71 -7.75
N HIS A 3 7.35 12.70 -8.51
CA HIS A 3 6.03 12.49 -7.92
C HIS A 3 5.17 11.63 -8.83
N SER A 4 4.14 11.04 -8.23
CA SER A 4 3.19 10.23 -8.96
C SER A 4 1.77 10.44 -8.45
N MET A 5 0.80 10.42 -9.38
CA MET A 5 -0.61 10.15 -9.09
C MET A 5 -0.94 8.74 -9.50
N ARG A 6 -1.67 8.03 -8.64
CA ARG A 6 -2.08 6.67 -9.00
C ARG A 6 -3.44 6.36 -8.40
N TYR A 7 -4.27 5.68 -9.19
CA TYR A 7 -5.56 5.18 -8.74
C TYR A 7 -5.51 3.66 -8.71
N PHE A 8 -6.06 3.09 -7.63
CA PHE A 8 -6.04 1.66 -7.39
C PHE A 8 -7.48 1.17 -7.31
N HIS A 9 -7.88 0.33 -8.28
CA HIS A 9 -9.24 -0.17 -8.40
C HIS A 9 -9.26 -1.64 -8.02
N THR A 10 -10.18 -2.02 -7.14
CA THR A 10 -10.36 -3.42 -6.78
C THR A 10 -11.83 -3.78 -6.91
N SER A 11 -12.11 -4.86 -7.63
CA SER A 11 -13.48 -5.37 -7.77
CA SER A 11 -13.49 -5.37 -7.75
C SER A 11 -13.49 -6.84 -7.41
N VAL A 12 -14.42 -7.25 -6.54
CA VAL A 12 -14.39 -8.61 -5.98
C VAL A 12 -15.77 -9.21 -6.06
N SER A 13 -15.93 -10.27 -6.86
CA SER A 13 -17.22 -10.94 -6.90
C SER A 13 -17.42 -11.80 -5.65
N ARG A 14 -18.68 -12.07 -5.33
CA ARG A 14 -19.03 -12.77 -4.09
C ARG A 14 -20.38 -13.46 -4.31
N PRO A 15 -20.42 -14.48 -5.16
CA PRO A 15 -21.71 -15.07 -5.56
C PRO A 15 -22.52 -15.50 -4.34
N GLY A 16 -23.80 -15.15 -4.35
CA GLY A 16 -24.70 -15.41 -3.24
C GLY A 16 -24.72 -14.32 -2.20
N ARG A 17 -23.86 -13.32 -2.32
CA ARG A 17 -23.75 -12.24 -1.34
C ARG A 17 -23.83 -10.89 -2.04
N GLY A 18 -24.71 -10.80 -3.02
CA GLY A 18 -24.89 -9.58 -3.79
C GLY A 18 -23.92 -9.44 -4.96
N GLU A 19 -23.83 -8.20 -5.44
CA GLU A 19 -23.03 -7.88 -6.61
C GLU A 19 -21.61 -7.51 -6.21
N PRO A 20 -20.65 -7.61 -7.13
CA PRO A 20 -19.23 -7.36 -6.78
C PRO A 20 -19.00 -5.97 -6.21
N ARG A 21 -18.32 -5.92 -5.07
CA ARG A 21 -17.88 -4.66 -4.48
C ARG A 21 -16.85 -4.01 -5.39
N PHE A 22 -16.95 -2.70 -5.56
CA PHE A 22 -15.94 -1.90 -6.26
C PHE A 22 -15.41 -0.84 -5.31
N ILE A 23 -14.07 -0.76 -5.16
CA ILE A 23 -13.46 0.31 -4.39
C ILE A 23 -12.35 0.94 -5.23
N SER A 24 -12.35 2.27 -5.28
CA SER A 24 -11.31 3.05 -5.93
C SER A 24 -10.66 3.92 -4.86
N VAL A 25 -9.32 3.91 -4.81
CA VAL A 25 -8.61 4.86 -3.96
C VAL A 25 -7.55 5.60 -4.77
N GLY A 26 -7.35 6.87 -4.47
CA GLY A 26 -6.38 7.70 -5.19
C GLY A 26 -5.25 8.12 -4.27
N TYR A 27 -4.03 8.11 -4.81
CA TYR A 27 -2.83 8.48 -4.07
C TYR A 27 -2.04 9.52 -4.84
N VAL A 28 -1.43 10.46 -4.12
CA VAL A 28 -0.28 11.21 -4.63
C VAL A 28 0.91 10.76 -3.79
N ASP A 29 1.89 10.12 -4.44
CA ASP A 29 3.03 9.48 -3.74
C ASP A 29 2.44 8.57 -2.65
N GLY A 30 2.90 8.65 -1.41
CA GLY A 30 2.43 7.84 -0.30
C GLY A 30 1.19 8.34 0.43
N THR A 31 0.51 9.35 -0.11
CA THR A 31 -0.61 10.01 0.56
C THR A 31 -1.91 9.69 -0.15
N GLN A 32 -2.81 8.96 0.52
CA GLN A 32 -4.14 8.77 -0.05
C GLN A 32 -4.93 10.06 0.02
N PHE A 33 -5.64 10.40 -1.06
CA PHE A 33 -6.46 11.62 -1.03
C PHE A 33 -7.93 11.46 -1.40
N VAL A 34 -8.36 10.33 -2.00
CA VAL A 34 -9.78 10.10 -2.25
C VAL A 34 -10.08 8.62 -2.08
N ARG A 35 -11.36 8.32 -1.85
CA ARG A 35 -11.85 6.94 -1.88
C ARG A 35 -13.28 6.91 -2.42
N PHE A 36 -13.64 5.78 -3.03
CA PHE A 36 -15.02 5.48 -3.42
C PHE A 36 -15.26 4.01 -3.12
N ASP A 37 -16.39 3.68 -2.49
CA ASP A 37 -16.68 2.30 -2.09
C ASP A 37 -18.15 2.00 -2.39
N SER A 38 -18.42 1.06 -3.29
CA SER A 38 -19.81 0.73 -3.59
C SER A 38 -20.54 0.14 -2.38
N ASP A 39 -19.81 -0.35 -1.37
CA ASP A 39 -20.45 -0.90 -0.18
C ASP A 39 -20.74 0.16 0.88
N ALA A 40 -20.35 1.40 0.66
CA ALA A 40 -20.72 2.48 1.57
C ALA A 40 -22.23 2.69 1.54
N ALA A 41 -22.79 3.11 2.68
CA ALA A 41 -24.24 3.31 2.73
C ALA A 41 -24.71 4.26 1.63
N SER A 42 -23.93 5.31 1.37
CA SER A 42 -24.21 6.27 0.30
CA SER A 42 -24.21 6.27 0.29
C SER A 42 -22.91 6.44 -0.50
N PRO A 43 -22.69 5.61 -1.51
CA PRO A 43 -21.41 5.64 -2.23
C PRO A 43 -21.16 7.00 -2.88
N ARG A 44 -19.96 7.53 -2.62
CA ARG A 44 -19.57 8.83 -3.14
C ARG A 44 -18.05 8.92 -3.11
N THR A 45 -17.50 9.65 -4.07
CA THR A 45 -16.10 10.02 -3.98
C THR A 45 -15.91 10.94 -2.78
N GLU A 46 -15.06 10.54 -1.83
CA GLU A 46 -14.90 11.25 -0.57
C GLU A 46 -13.46 11.72 -0.38
N PRO A 47 -13.24 12.87 0.27
CA PRO A 47 -11.86 13.30 0.52
C PRO A 47 -11.22 12.50 1.65
N ARG A 48 -9.90 12.28 1.50
CA ARG A 48 -9.14 11.57 2.52
C ARG A 48 -7.86 12.31 2.90
N ALA A 49 -7.63 13.49 2.35
CA ALA A 49 -6.54 14.37 2.75
C ALA A 49 -7.07 15.80 2.80
N PRO A 50 -6.55 16.63 3.72
CA PRO A 50 -7.13 17.98 3.86
C PRO A 50 -7.03 18.84 2.62
N TRP A 51 -5.94 18.73 1.84
CA TRP A 51 -5.74 19.67 0.74
C TRP A 51 -6.74 19.48 -0.39
N ILE A 52 -7.36 18.29 -0.54
CA ILE A 52 -8.34 18.09 -1.61
C ILE A 52 -9.71 18.63 -1.26
N GLU A 53 -9.97 18.97 0.01
CA GLU A 53 -11.31 19.38 0.39
C GLU A 53 -11.77 20.68 -0.28
N GLN A 54 -10.83 21.54 -0.69
CA GLN A 54 -11.19 22.81 -1.32
C GLN A 54 -11.74 22.64 -2.73
N GLU A 55 -11.64 21.45 -3.33
CA GLU A 55 -12.23 21.27 -4.65
C GLU A 55 -13.74 21.45 -4.55
N GLY A 56 -14.31 22.03 -5.60
CA GLY A 56 -15.72 22.37 -5.59
C GLY A 56 -16.63 21.18 -5.82
N PRO A 57 -17.94 21.42 -5.67
CA PRO A 57 -18.91 20.34 -5.89
C PRO A 57 -18.82 19.69 -7.26
N GLU A 58 -18.41 20.42 -8.29
CA GLU A 58 -18.30 19.80 -9.60
C GLU A 58 -17.30 18.65 -9.58
N TYR A 59 -16.20 18.81 -8.84
CA TYR A 59 -15.19 17.75 -8.76
C TYR A 59 -15.77 16.50 -8.14
N TRP A 60 -16.50 16.67 -7.03
CA TRP A 60 -17.04 15.53 -6.30
C TRP A 60 -18.15 14.85 -7.09
N ASP A 61 -19.00 15.63 -7.76
CA ASP A 61 -20.07 15.03 -8.56
C ASP A 61 -19.48 14.26 -9.73
N ARG A 62 -18.52 14.86 -10.43
CA ARG A 62 -17.98 14.23 -11.64
C ARG A 62 -17.22 12.95 -11.31
N ASN A 63 -16.40 12.97 -10.25
CA ASN A 63 -15.67 11.75 -9.89
C ASN A 63 -16.60 10.69 -9.33
N THR A 64 -17.68 11.09 -8.67
CA THR A 64 -18.65 10.11 -8.21
C THR A 64 -19.35 9.44 -9.39
N GLN A 65 -19.74 10.22 -10.40
CA GLN A 65 -20.40 9.63 -11.57
C GLN A 65 -19.45 8.67 -12.29
N ILE A 66 -18.18 9.03 -12.39
CA ILE A 66 -17.20 8.14 -13.02
C ILE A 66 -17.10 6.82 -12.26
N SER A 67 -17.08 6.89 -10.93
CA SER A 67 -16.95 5.68 -10.14
C SER A 67 -18.22 4.83 -10.18
N LYS A 68 -19.39 5.47 -10.18
CA LYS A 68 -20.62 4.69 -10.27
C LYS A 68 -20.70 3.97 -11.61
N THR A 69 -20.20 4.60 -12.67
CA THR A 69 -20.16 3.97 -13.99
C THR A 69 -19.08 2.88 -14.05
N ASN A 70 -17.89 3.15 -13.51
CA ASN A 70 -16.87 2.13 -13.42
C ASN A 70 -17.35 0.91 -12.64
N THR A 71 -18.18 1.14 -11.62
CA THR A 71 -18.73 0.02 -10.85
C THR A 71 -19.44 -0.98 -11.75
N GLN A 72 -20.37 -0.49 -12.57
CA GLN A 72 -21.07 -1.38 -13.48
C GLN A 72 -20.13 -1.95 -14.53
N THR A 73 -19.17 -1.14 -15.01
CA THR A 73 -18.21 -1.61 -16.00
C THR A 73 -17.40 -2.78 -15.48
N TYR A 74 -16.89 -2.68 -14.25
CA TYR A 74 -16.07 -3.76 -13.73
C TYR A 74 -16.90 -5.00 -13.43
N ARG A 75 -18.20 -4.83 -13.12
CA ARG A 75 -19.05 -5.99 -12.91
C ARG A 75 -19.28 -6.74 -14.21
N GLU A 76 -19.51 -6.01 -15.30
CA GLU A 76 -19.65 -6.68 -16.59
C GLU A 76 -18.31 -7.31 -17.01
N SER A 77 -17.20 -6.63 -16.71
CA SER A 77 -15.89 -7.20 -17.03
C SER A 77 -15.63 -8.48 -16.25
N LEU A 78 -16.04 -8.54 -14.98
CA LEU A 78 -15.87 -9.77 -14.21
C LEU A 78 -16.66 -10.91 -14.83
N ARG A 79 -17.88 -10.63 -15.31
CA ARG A 79 -18.64 -11.68 -16.00
C ARG A 79 -17.91 -12.15 -17.24
N ASN A 80 -17.34 -11.21 -18.01
CA ASN A 80 -16.61 -11.59 -19.22
C ASN A 80 -15.39 -12.44 -18.87
N LEU A 81 -14.66 -12.04 -17.81
CA LEU A 81 -13.44 -12.76 -17.46
C LEU A 81 -13.74 -14.18 -17.00
N ARG A 82 -14.81 -14.35 -16.22
CA ARG A 82 -15.20 -15.69 -15.82
C ARG A 82 -15.40 -16.56 -17.04
N GLY A 83 -16.03 -16.00 -18.09
CA GLY A 83 -16.22 -16.75 -19.32
C GLY A 83 -14.91 -17.06 -20.02
N TYR A 84 -13.97 -16.11 -20.01
CA TYR A 84 -12.71 -16.31 -20.75
C TYR A 84 -11.88 -17.44 -20.15
N TYR A 85 -12.09 -17.76 -18.88
CA TYR A 85 -11.37 -18.82 -18.21
C TYR A 85 -12.26 -20.04 -17.93
N ASN A 86 -13.45 -20.07 -18.50
CA ASN A 86 -14.37 -21.21 -18.37
C ASN A 86 -14.68 -21.51 -16.91
N GLN A 87 -14.76 -20.46 -16.10
CA GLN A 87 -14.95 -20.65 -14.68
C GLN A 87 -16.44 -20.70 -14.33
N SER A 88 -16.72 -21.36 -13.22
CA SER A 88 -18.08 -21.52 -12.73
C SER A 88 -18.62 -20.22 -12.14
N GLU A 89 -19.94 -20.11 -12.09
CA GLU A 89 -20.52 -18.97 -11.39
C GLU A 89 -20.41 -19.12 -9.88
N ALA A 90 -19.71 -20.20 -9.49
CA ALA A 90 -19.56 -20.62 -8.10
C ALA A 90 -18.62 -19.74 -7.32
N GLY A 91 -17.46 -19.47 -7.88
CA GLY A 91 -16.37 -18.97 -7.08
C GLY A 91 -16.28 -17.47 -7.11
N SER A 92 -15.51 -16.97 -6.16
CA SER A 92 -15.20 -15.55 -6.06
CA SER A 92 -15.23 -15.55 -6.09
CA SER A 92 -15.19 -15.55 -6.05
C SER A 92 -13.95 -15.23 -6.88
N HIS A 93 -13.94 -14.06 -7.48
CA HIS A 93 -12.78 -13.62 -8.26
C HIS A 93 -12.53 -12.14 -8.06
N THR A 94 -11.29 -11.72 -8.38
CA THR A 94 -10.82 -10.37 -8.15
C THR A 94 -10.31 -9.77 -9.45
N LEU A 95 -10.74 -8.55 -9.76
CA LEU A 95 -10.19 -7.76 -10.85
C LEU A 95 -9.57 -6.50 -10.26
N GLN A 96 -8.27 -6.30 -10.53
CA GLN A 96 -7.54 -5.12 -10.04
C GLN A 96 -7.01 -4.33 -11.23
N ARG A 97 -7.03 -3.00 -11.11
CA ARG A 97 -6.43 -2.14 -12.12
C ARG A 97 -5.75 -0.98 -11.42
N MET A 98 -4.58 -0.58 -11.91
N MET A 98 -4.58 -0.58 -11.91
CA MET A 98 -3.94 0.63 -11.42
CA MET A 98 -3.91 0.62 -11.44
C MET A 98 -3.46 1.46 -12.61
C MET A 98 -3.52 1.45 -12.65
N TYR A 99 -3.64 2.77 -12.52
CA TYR A 99 -3.25 3.66 -13.60
C TYR A 99 -2.83 5.01 -13.02
N GLY A 100 -2.05 5.75 -13.80
CA GLY A 100 -1.67 7.09 -13.39
C GLY A 100 -0.35 7.49 -14.01
N CYS A 101 0.20 8.59 -13.50
CA CYS A 101 1.30 9.25 -14.18
C CYS A 101 2.41 9.58 -13.19
N ASP A 102 3.64 9.57 -13.69
CA ASP A 102 4.81 10.01 -12.92
C ASP A 102 5.38 11.26 -13.56
N VAL A 103 5.78 12.23 -12.72
CA VAL A 103 6.43 13.45 -13.20
C VAL A 103 7.74 13.62 -12.46
N GLY A 104 8.69 14.32 -13.09
CA GLY A 104 9.93 14.65 -12.44
C GLY A 104 9.89 15.95 -11.67
N PRO A 105 11.03 16.33 -11.08
CA PRO A 105 11.08 17.60 -10.33
C PRO A 105 10.59 18.81 -11.10
N ASP A 106 10.70 18.82 -12.42
CA ASP A 106 10.23 19.94 -13.23
C ASP A 106 8.77 19.82 -13.61
N GLY A 107 8.04 18.87 -13.04
CA GLY A 107 6.63 18.71 -13.37
C GLY A 107 6.38 18.01 -14.69
N ARG A 108 7.42 17.49 -15.31
CA ARG A 108 7.26 16.98 -16.65
C ARG A 108 6.99 15.48 -16.63
N LEU A 109 6.19 15.02 -17.59
CA LEU A 109 5.83 13.60 -17.64
C LEU A 109 7.09 12.74 -17.77
N LEU A 110 7.26 11.82 -16.83
CA LEU A 110 8.27 10.78 -16.92
C LEU A 110 7.72 9.57 -17.64
N ARG A 111 6.55 9.10 -17.22
CA ARG A 111 5.90 7.98 -17.90
C ARG A 111 4.49 7.81 -17.35
N GLY A 112 3.68 7.06 -18.09
CA GLY A 112 2.31 6.72 -17.72
C GLY A 112 2.14 5.24 -17.41
N HIS A 113 1.05 4.88 -16.73
CA HIS A 113 0.81 3.50 -16.35
C HIS A 113 -0.67 3.15 -16.52
N ASP A 114 -0.92 1.92 -16.97
CA ASP A 114 -2.27 1.32 -16.90
C ASP A 114 -2.10 -0.19 -16.96
N GLN A 115 -2.29 -0.86 -15.83
CA GLN A 115 -2.05 -2.30 -15.72
C GLN A 115 -3.22 -2.95 -15.00
N SER A 116 -3.53 -4.20 -15.36
CA SER A 116 -4.60 -4.94 -14.71
CA SER A 116 -4.59 -4.92 -14.68
C SER A 116 -4.15 -6.34 -14.33
N ALA A 117 -4.85 -6.91 -13.36
CA ALA A 117 -4.58 -8.27 -12.87
C ALA A 117 -5.88 -8.96 -12.53
N TYR A 118 -5.92 -10.26 -12.79
CA TYR A 118 -7.08 -11.10 -12.52
C TYR A 118 -6.66 -12.20 -11.56
N ASP A 119 -7.38 -12.31 -10.45
CA ASP A 119 -7.08 -13.25 -9.38
C ASP A 119 -5.62 -13.15 -8.96
N GLY A 120 -5.11 -11.93 -8.92
CA GLY A 120 -3.78 -11.65 -8.43
C GLY A 120 -2.68 -11.89 -9.44
N LYS A 121 -3.03 -12.27 -10.66
CA LYS A 121 -2.08 -12.58 -11.72
C LYS A 121 -2.14 -11.49 -12.80
N ASP A 122 -0.97 -11.04 -13.26
CA ASP A 122 -0.94 -10.02 -14.31
C ASP A 122 -1.77 -10.47 -15.52
N TYR A 123 -2.57 -9.55 -16.03
CA TYR A 123 -3.53 -9.85 -17.10
C TYR A 123 -3.25 -9.05 -18.37
N ILE A 124 -3.32 -7.71 -18.33
CA ILE A 124 -2.99 -6.89 -19.49
C ILE A 124 -2.38 -5.58 -19.01
N ALA A 125 -1.45 -5.03 -19.80
CA ALA A 125 -0.78 -3.81 -19.40
C ALA A 125 -0.55 -2.93 -20.61
N LEU A 126 -0.80 -1.64 -20.44
CA LEU A 126 -0.35 -0.66 -21.44
C LEU A 126 1.17 -0.55 -21.39
N ASN A 127 1.80 -0.69 -22.56
CA ASN A 127 3.25 -0.55 -22.63
C ASN A 127 3.65 0.90 -22.40
N GLU A 128 4.95 1.10 -22.15
CA GLU A 128 5.43 2.44 -21.83
C GLU A 128 5.23 3.42 -22.98
N ASP A 129 5.07 2.92 -24.20
CA ASP A 129 4.80 3.78 -25.35
C ASP A 129 3.39 4.39 -25.30
N LEU A 130 2.53 3.95 -24.37
CA LEU A 130 1.13 4.40 -24.28
C LEU A 130 0.39 4.20 -25.60
N SER A 131 0.75 3.16 -26.34
CA SER A 131 0.16 2.92 -27.66
CA SER A 131 0.14 2.92 -27.64
C SER A 131 -0.06 1.46 -27.98
N SER A 132 0.58 0.52 -27.28
CA SER A 132 0.46 -0.91 -27.51
C SER A 132 0.28 -1.63 -26.18
N TRP A 133 -0.23 -2.86 -26.26
CA TRP A 133 -0.57 -3.65 -25.09
C TRP A 133 0.30 -4.89 -24.99
N THR A 134 0.47 -5.36 -23.75
CA THR A 134 1.03 -6.67 -23.48
C THR A 134 -0.03 -7.51 -22.76
N ALA A 135 -0.47 -8.57 -23.40
CA ALA A 135 -1.43 -9.52 -22.85
C ALA A 135 -0.71 -10.75 -22.30
N ALA A 136 -1.15 -11.23 -21.14
CA ALA A 136 -0.47 -12.33 -20.48
C ALA A 136 -0.80 -13.70 -21.07
N ASP A 137 -1.98 -13.87 -21.66
CA ASP A 137 -2.46 -15.18 -22.09
C ASP A 137 -3.54 -15.00 -23.16
N THR A 138 -4.09 -16.12 -23.63
CA THR A 138 -5.08 -16.03 -24.71
C THR A 138 -6.38 -15.35 -24.28
N ALA A 139 -6.71 -15.37 -22.98
CA ALA A 139 -7.87 -14.62 -22.53
C ALA A 139 -7.61 -13.12 -22.63
N ALA A 140 -6.46 -12.67 -22.12
CA ALA A 140 -6.12 -11.26 -22.26
C ALA A 140 -5.96 -10.81 -23.70
N GLN A 141 -5.64 -11.73 -24.62
CA GLN A 141 -5.65 -11.39 -26.05
C GLN A 141 -7.05 -11.03 -26.54
N ILE A 142 -8.10 -11.64 -25.97
CA ILE A 142 -9.46 -11.22 -26.32
C ILE A 142 -9.69 -9.77 -25.90
N THR A 143 -9.33 -9.44 -24.66
CA THR A 143 -9.43 -8.06 -24.20
C THR A 143 -8.60 -7.12 -25.07
N GLN A 144 -7.39 -7.54 -25.42
CA GLN A 144 -6.53 -6.69 -26.23
C GLN A 144 -7.17 -6.38 -27.58
N ARG A 145 -7.71 -7.42 -28.24
CA ARG A 145 -8.38 -7.18 -29.51
C ARG A 145 -9.53 -6.20 -29.35
N LYS A 146 -10.31 -6.34 -28.26
CA LYS A 146 -11.43 -5.45 -28.00
C LYS A 146 -10.97 -4.02 -27.76
N TRP A 147 -9.90 -3.85 -26.99
CA TRP A 147 -9.38 -2.53 -26.67
C TRP A 147 -8.71 -1.87 -27.87
N GLU A 148 -8.09 -2.68 -28.74
CA GLU A 148 -7.53 -2.15 -29.98
C GLU A 148 -8.62 -1.65 -30.91
N ALA A 149 -9.72 -2.40 -31.02
CA ALA A 149 -10.81 -2.00 -31.87
C ALA A 149 -11.46 -0.69 -31.40
N ALA A 150 -11.49 -0.47 -30.08
CA ALA A 150 -12.13 0.71 -29.51
C ALA A 150 -11.15 1.83 -29.22
N ARG A 151 -9.89 1.69 -29.62
CA ARG A 151 -8.88 2.74 -29.47
C ARG A 151 -8.70 3.17 -28.02
N VAL A 152 -8.69 2.20 -27.11
CA VAL A 152 -8.53 2.50 -25.68
C VAL A 152 -7.15 3.07 -25.38
N ALA A 153 -6.11 2.55 -26.04
CA ALA A 153 -4.76 3.05 -25.77
C ALA A 153 -4.68 4.55 -26.07
N GLU A 154 -5.33 4.99 -27.15
CA GLU A 154 -5.30 6.40 -27.52
C GLU A 154 -6.02 7.25 -26.47
N GLN A 155 -7.12 6.75 -25.94
N GLN A 155 -7.13 6.75 -25.93
CA GLN A 155 -7.84 7.44 -24.86
CA GLN A 155 -7.81 7.47 -24.86
C GLN A 155 -6.95 7.55 -23.62
C GLN A 155 -6.92 7.58 -23.63
N LEU A 156 -6.27 6.48 -23.25
CA LEU A 156 -5.37 6.51 -22.11
C LEU A 156 -4.20 7.45 -22.35
N ARG A 157 -3.63 7.43 -23.56
CA ARG A 157 -2.50 8.35 -23.81
C ARG A 157 -2.94 9.79 -23.65
N ALA A 158 -4.13 10.15 -24.16
CA ALA A 158 -4.59 11.52 -24.04
C ALA A 158 -4.79 11.90 -22.57
N TYR A 159 -5.38 11.00 -21.79
CA TYR A 159 -5.59 11.28 -20.37
C TYR A 159 -4.27 11.41 -19.61
N LEU A 160 -3.34 10.46 -19.84
CA LEU A 160 -2.13 10.40 -19.04
C LEU A 160 -1.19 11.57 -19.34
N GLU A 161 -1.14 12.01 -20.60
CA GLU A 161 -0.28 13.13 -20.96
C GLU A 161 -0.93 14.48 -20.69
N GLY A 162 -2.24 14.52 -20.49
CA GLY A 162 -2.93 15.78 -20.28
C GLY A 162 -3.54 15.86 -18.89
N THR A 163 -4.78 15.40 -18.79
CA THR A 163 -5.52 15.47 -17.54
C THR A 163 -4.71 15.01 -16.34
N CYS A 164 -4.09 13.83 -16.44
CA CYS A 164 -3.41 13.24 -15.28
C CYS A 164 -2.30 14.16 -14.77
N VAL A 165 -1.43 14.62 -15.67
CA VAL A 165 -0.31 15.45 -15.23
CA VAL A 165 -0.31 15.46 -15.27
C VAL A 165 -0.81 16.82 -14.77
N GLU A 166 -1.83 17.37 -15.45
CA GLU A 166 -2.37 18.66 -15.06
C GLU A 166 -2.92 18.62 -13.64
N TRP A 167 -3.62 17.54 -13.31
CA TRP A 167 -4.17 17.43 -11.97
C TRP A 167 -3.11 17.08 -10.93
N LEU A 168 -2.13 16.26 -11.29
CA LEU A 168 -1.04 15.98 -10.36
C LEU A 168 -0.30 17.27 -10.00
N ARG A 169 0.03 18.08 -11.01
CA ARG A 169 0.65 19.38 -10.74
C ARG A 169 -0.22 20.23 -9.82
N ARG A 170 -1.54 20.24 -10.07
CA ARG A 170 -2.45 21.02 -9.24
C ARG A 170 -2.45 20.54 -7.79
N HIS A 171 -2.55 19.21 -7.58
CA HIS A 171 -2.49 18.63 -6.25
C HIS A 171 -1.18 18.98 -5.54
N LEU A 172 -0.06 18.83 -6.24
CA LEU A 172 1.25 19.13 -5.66
C LEU A 172 1.33 20.57 -5.19
N GLU A 173 0.72 21.50 -5.91
CA GLU A 173 0.74 22.89 -5.45
C GLU A 173 -0.21 23.09 -4.26
N ASN A 174 -1.42 22.55 -4.35
CA ASN A 174 -2.38 22.75 -3.27
C ASN A 174 -1.94 22.06 -1.98
N GLY A 175 -1.25 20.93 -2.07
CA GLY A 175 -0.74 20.26 -0.88
C GLY A 175 0.76 20.37 -0.69
N LYS A 176 1.36 21.46 -1.20
CA LYS A 176 2.82 21.58 -1.23
CA LYS A 176 2.82 21.55 -1.23
C LYS A 176 3.44 21.46 0.15
N GLU A 177 2.74 21.90 1.20
CA GLU A 177 3.30 21.89 2.55
CA GLU A 177 3.34 21.88 2.53
C GLU A 177 3.53 20.47 3.07
N THR A 178 2.84 19.48 2.52
CA THR A 178 2.99 18.07 2.92
C THR A 178 3.54 17.23 1.79
N LEU A 179 2.93 17.30 0.61
CA LEU A 179 3.34 16.48 -0.51
C LEU A 179 4.76 16.79 -0.97
N GLN A 180 5.18 18.05 -0.84
CA GLN A 180 6.53 18.43 -1.26
C GLN A 180 7.45 18.65 -0.07
N ARG A 181 7.13 18.02 1.07
CA ARG A 181 7.98 18.04 2.26
C ARG A 181 8.46 16.62 2.55
N ALA A 182 9.75 16.40 2.52
CA ALA A 182 10.32 15.12 2.91
C ALA A 182 10.73 15.18 4.39
N ASP A 183 10.18 14.28 5.19
CA ASP A 183 10.50 14.20 6.60
C ASP A 183 11.57 13.14 6.83
N PRO A 184 12.73 13.49 7.39
CA PRO A 184 13.81 12.51 7.53
C PRO A 184 13.51 11.53 8.65
N PRO A 185 14.11 10.33 8.58
CA PRO A 185 13.95 9.35 9.66
C PRO A 185 14.68 9.78 10.92
N LYS A 186 14.04 9.52 12.06
CA LYS A 186 14.72 9.53 13.37
C LYS A 186 15.36 8.16 13.57
N THR A 187 16.67 8.12 13.78
CA THR A 187 17.42 6.88 13.74
C THR A 187 18.09 6.59 15.08
N HIS A 188 18.16 5.31 15.45
CA HIS A 188 18.91 4.87 16.62
C HIS A 188 19.16 3.37 16.50
N VAL A 189 20.12 2.90 17.29
CA VAL A 189 20.52 1.49 17.32
C VAL A 189 20.25 0.95 18.72
N THR A 190 19.57 -0.18 18.80
CA THR A 190 19.33 -0.90 20.05
C THR A 190 20.07 -2.24 20.06
N HIS A 191 20.26 -2.78 21.27
CA HIS A 191 21.09 -3.95 21.51
C HIS A 191 20.27 -4.94 22.34
N HIS A 192 20.13 -6.17 21.83
CA HIS A 192 19.23 -7.18 22.41
C HIS A 192 19.99 -8.47 22.63
N PRO A 193 20.53 -8.69 23.83
CA PRO A 193 21.26 -9.94 24.09
C PRO A 193 20.40 -11.17 23.80
N ILE A 194 21.02 -12.13 23.13
CA ILE A 194 20.39 -13.40 22.79
C ILE A 194 20.86 -14.50 23.72
N SER A 195 22.16 -14.55 23.96
CA SER A 195 22.80 -15.57 24.76
C SER A 195 24.12 -14.99 25.24
N ASP A 196 24.89 -15.80 25.95
CA ASP A 196 26.26 -15.41 26.28
C ASP A 196 27.11 -15.13 25.04
N HIS A 197 26.75 -15.70 23.89
CA HIS A 197 27.61 -15.73 22.72
C HIS A 197 27.30 -14.63 21.71
N GLU A 198 26.09 -14.07 21.70
CA GLU A 198 25.72 -13.13 20.65
C GLU A 198 24.54 -12.28 21.10
N ALA A 199 24.30 -11.21 20.36
CA ALA A 199 23.19 -10.29 20.58
C ALA A 199 22.72 -9.75 19.24
N THR A 200 21.50 -9.21 19.24
CA THR A 200 20.95 -8.55 18.06
C THR A 200 21.24 -7.06 18.14
N LEU A 201 21.77 -6.51 17.06
CA LEU A 201 21.80 -5.06 16.87
C LEU A 201 20.67 -4.69 15.91
N ARG A 202 19.82 -3.75 16.33
CA ARG A 202 18.68 -3.35 15.51
C ARG A 202 18.78 -1.86 15.21
N CYS A 203 18.75 -1.51 13.93
CA CYS A 203 18.85 -0.14 13.46
C CYS A 203 17.47 0.34 13.06
N TRP A 204 16.99 1.40 13.70
CA TRP A 204 15.64 1.89 13.54
C TRP A 204 15.60 3.17 12.69
N ALA A 205 14.61 3.25 11.79
CA ALA A 205 14.25 4.49 11.11
C ALA A 205 12.77 4.77 11.37
N LEU A 206 12.47 5.89 12.03
CA LEU A 206 11.11 6.21 12.46
C LEU A 206 10.69 7.58 11.94
N GLY A 207 9.42 7.71 11.61
CA GLY A 207 8.83 9.01 11.34
C GLY A 207 9.17 9.63 10.00
N PHE A 208 9.53 8.84 8.98
CA PHE A 208 9.97 9.42 7.73
C PHE A 208 8.86 9.42 6.68
N TYR A 209 9.01 10.33 5.70
CA TYR A 209 8.06 10.45 4.58
C TYR A 209 8.87 11.04 3.43
N PRO A 210 8.77 10.48 2.21
CA PRO A 210 7.97 9.34 1.76
C PRO A 210 8.61 8.01 2.16
N ALA A 211 7.99 6.89 1.74
CA ALA A 211 8.40 5.59 2.25
C ALA A 211 9.74 5.10 1.70
N GLU A 212 10.17 5.62 0.54
N GLU A 212 10.17 5.62 0.55
CA GLU A 212 11.46 5.26 -0.04
CA GLU A 212 11.44 5.19 -0.04
C GLU A 212 12.57 5.50 0.96
C GLU A 212 12.61 5.51 0.89
N ILE A 213 13.38 4.48 1.23
CA ILE A 213 14.49 4.59 2.16
C ILE A 213 15.47 3.46 1.87
N THR A 214 16.74 3.69 2.20
CA THR A 214 17.76 2.66 2.18
C THR A 214 18.30 2.50 3.59
N LEU A 215 18.31 1.26 4.08
CA LEU A 215 18.65 0.99 5.47
C LEU A 215 19.43 -0.33 5.49
N THR A 216 20.74 -0.25 5.76
CA THR A 216 21.57 -1.44 5.67
C THR A 216 22.56 -1.49 6.81
N TRP A 217 23.07 -2.70 7.05
CA TRP A 217 24.18 -2.95 7.96
C TRP A 217 25.42 -3.32 7.17
N GLN A 218 26.56 -2.87 7.65
CA GLN A 218 27.86 -3.31 7.16
C GLN A 218 28.67 -3.87 8.32
N ARG A 219 29.51 -4.86 8.00
CA ARG A 219 30.49 -5.41 8.93
CA ARG A 219 30.50 -5.39 8.93
C ARG A 219 31.87 -5.18 8.32
N ASP A 220 32.71 -4.39 9.00
CA ASP A 220 34.03 -4.00 8.49
C ASP A 220 33.94 -3.29 7.13
N GLY A 221 32.81 -2.63 6.87
CA GLY A 221 32.61 -1.95 5.61
C GLY A 221 32.05 -2.81 4.50
N GLU A 222 31.70 -4.05 4.78
CA GLU A 222 31.15 -4.96 3.79
C GLU A 222 29.67 -5.16 4.04
N ASP A 223 28.85 -5.02 2.99
CA ASP A 223 27.41 -5.14 3.17
C ASP A 223 27.02 -6.53 3.67
N GLN A 224 26.00 -6.57 4.54
CA GLN A 224 25.54 -7.78 5.19
C GLN A 224 24.15 -8.16 4.73
N THR A 225 23.89 -8.01 3.42
CA THR A 225 22.54 -8.18 2.88
C THR A 225 21.94 -9.53 3.25
N GLN A 226 22.72 -10.60 3.09
CA GLN A 226 22.17 -11.94 3.30
C GLN A 226 21.91 -12.21 4.78
N ASP A 227 22.66 -11.57 5.69
CA ASP A 227 22.55 -11.82 7.12
C ASP A 227 21.71 -10.78 7.85
N THR A 228 21.15 -9.81 7.14
CA THR A 228 20.31 -8.77 7.75
C THR A 228 18.85 -9.19 7.69
N GLU A 229 18.13 -9.05 8.82
CA GLU A 229 16.67 -9.17 8.81
C GLU A 229 16.10 -7.77 8.61
N LEU A 230 15.35 -7.58 7.52
CA LEU A 230 14.86 -6.27 7.12
C LEU A 230 13.34 -6.34 7.00
N VAL A 231 12.61 -5.74 7.96
CA VAL A 231 11.15 -5.78 7.92
C VAL A 231 10.63 -4.84 6.84
N GLU A 232 9.44 -5.15 6.34
CA GLU A 232 8.75 -4.27 5.39
CA GLU A 232 8.77 -4.27 5.40
C GLU A 232 8.53 -2.91 6.04
N THR A 233 8.72 -1.86 5.23
CA THR A 233 8.36 -0.51 5.63
C THR A 233 6.88 -0.45 5.96
N ARG A 234 6.55 0.13 7.11
CA ARG A 234 5.21 0.01 7.68
C ARG A 234 4.67 1.39 8.05
N PRO A 235 3.38 1.62 7.88
CA PRO A 235 2.81 2.94 8.18
C PRO A 235 2.59 3.15 9.68
N ALA A 236 2.94 4.34 10.15
CA ALA A 236 2.73 4.68 11.55
C ALA A 236 1.31 5.16 11.85
N GLY A 237 0.59 5.68 10.86
CA GLY A 237 -0.74 6.22 11.05
C GLY A 237 -0.79 7.73 11.19
N ASP A 238 0.35 8.41 11.11
CA ASP A 238 0.41 9.87 11.15
C ASP A 238 0.96 10.45 9.85
N ARG A 239 0.90 9.66 8.76
CA ARG A 239 1.43 9.85 7.41
C ARG A 239 2.84 9.31 7.24
N THR A 240 3.57 9.12 8.35
CA THR A 240 4.95 8.70 8.23
C THR A 240 5.08 7.17 8.24
N PHE A 241 6.31 6.71 8.05
CA PHE A 241 6.61 5.29 7.95
C PHE A 241 7.71 4.91 8.91
N GLN A 242 7.84 3.61 9.14
CA GLN A 242 8.83 3.02 10.04
C GLN A 242 9.52 1.84 9.36
N LYS A 243 10.75 1.56 9.77
CA LYS A 243 11.50 0.42 9.26
C LYS A 243 12.61 0.10 10.24
N TRP A 244 12.99 -1.18 10.31
CA TRP A 244 14.24 -1.52 10.98
C TRP A 244 14.96 -2.66 10.26
N ALA A 245 16.26 -2.75 10.56
CA ALA A 245 17.16 -3.77 10.06
C ALA A 245 17.99 -4.30 11.22
N ALA A 246 18.10 -5.63 11.31
CA ALA A 246 18.77 -6.27 12.45
C ALA A 246 19.80 -7.28 11.98
N VAL A 247 20.90 -7.37 12.72
CA VAL A 247 21.97 -8.36 12.50
C VAL A 247 22.32 -9.01 13.83
N VAL A 248 22.71 -10.28 13.77
CA VAL A 248 23.15 -11.03 14.95
C VAL A 248 24.66 -10.95 15.02
N VAL A 249 25.20 -10.49 16.14
CA VAL A 249 26.64 -10.24 16.21
C VAL A 249 27.27 -10.97 17.38
N PRO A 250 28.48 -11.52 17.22
CA PRO A 250 29.17 -12.14 18.35
C PRO A 250 29.44 -11.15 19.46
N SER A 251 29.33 -11.61 20.71
CA SER A 251 29.59 -10.76 21.86
C SER A 251 30.96 -10.13 21.76
N GLY A 252 31.02 -8.81 21.94
CA GLY A 252 32.27 -8.09 21.91
C GLY A 252 32.64 -7.50 20.57
N GLU A 253 31.97 -7.91 19.48
CA GLU A 253 32.29 -7.46 18.13
C GLU A 253 31.39 -6.33 17.64
N GLU A 254 30.65 -5.68 18.54
CA GLU A 254 29.60 -4.74 18.11
C GLU A 254 30.16 -3.55 17.33
N GLN A 255 31.38 -3.11 17.62
CA GLN A 255 31.92 -1.92 16.98
C GLN A 255 32.39 -2.19 15.55
N ARG A 256 32.35 -3.44 15.08
CA ARG A 256 32.66 -3.66 13.68
C ARG A 256 31.47 -3.41 12.77
N TYR A 257 30.30 -3.15 13.36
CA TYR A 257 29.04 -3.07 12.62
C TYR A 257 28.61 -1.62 12.50
N THR A 258 28.20 -1.22 11.29
CA THR A 258 27.70 0.13 11.06
C THR A 258 26.36 0.07 10.32
N CYS A 259 25.45 0.94 10.71
CA CYS A 259 24.15 1.06 10.05
C CYS A 259 24.16 2.31 9.18
N HIS A 260 23.67 2.17 7.95
CA HIS A 260 23.71 3.24 6.97
C HIS A 260 22.29 3.56 6.53
N VAL A 261 21.98 4.85 6.48
CA VAL A 261 20.63 5.32 6.17
C VAL A 261 20.71 6.39 5.08
N GLN A 262 19.90 6.22 4.04
CA GLN A 262 19.71 7.21 2.99
C GLN A 262 18.22 7.51 2.85
N HIS A 263 17.88 8.80 2.75
CA HIS A 263 16.51 9.24 2.63
C HIS A 263 16.49 10.70 2.16
N GLU A 264 15.47 11.03 1.38
CA GLU A 264 15.36 12.36 0.78
C GLU A 264 15.31 13.50 1.79
N GLY A 265 14.78 13.24 3.01
CA GLY A 265 14.68 14.30 4.01
C GLY A 265 15.96 14.61 4.78
N LEU A 266 16.97 13.78 4.64
CA LEU A 266 18.24 13.94 5.33
C LEU A 266 19.13 14.93 4.58
N PRO A 267 19.76 15.86 5.30
CA PRO A 267 20.83 16.67 4.68
C PRO A 267 21.93 15.79 4.09
N LYS A 268 22.38 14.77 4.80
CA LYS A 268 23.38 13.86 4.27
C LYS A 268 23.11 12.46 4.82
N PRO A 269 23.61 11.42 4.15
CA PRO A 269 23.41 10.05 4.64
C PRO A 269 24.03 9.86 6.02
N LEU A 270 23.39 8.98 6.80
CA LEU A 270 23.81 8.75 8.18
C LEU A 270 24.57 7.44 8.29
N THR A 271 25.50 7.42 9.23
CA THR A 271 26.20 6.21 9.66
C THR A 271 26.03 6.13 11.17
N LEU A 272 25.54 4.99 11.66
CA LEU A 272 25.27 4.80 13.07
C LEU A 272 25.98 3.56 13.59
N ARG A 273 26.31 3.60 14.88
CA ARG A 273 26.84 2.46 15.61
C ARG A 273 26.08 2.29 16.91
N TRP A 274 26.17 1.10 17.47
CA TRP A 274 25.69 0.86 18.82
C TRP A 274 26.51 1.71 19.78
N GLU A 275 25.82 2.49 20.61
CA GLU A 275 26.46 3.35 21.61
C GLU A 275 26.08 2.82 22.99
N PRO A 276 26.88 1.93 23.59
CA PRO A 276 26.61 1.33 24.90
C PRO A 276 26.64 2.35 26.04
N GLU B 1 -8.38 14.18 -11.46
CA GLU B 1 -9.62 13.59 -11.92
C GLU B 1 -9.36 12.19 -12.40
N GLU B 2 -10.28 11.27 -12.14
CA GLU B 2 -10.15 9.92 -12.69
C GLU B 2 -10.48 9.91 -14.18
N ILE B 3 -10.06 8.84 -14.83
CA ILE B 3 -10.49 8.58 -16.20
C ILE B 3 -11.74 7.70 -16.15
N GLU B 4 -12.58 7.82 -17.15
CA GLU B 4 -13.77 7.00 -17.28
C GLU B 4 -13.54 5.94 -18.34
N ILE B 5 -13.55 4.67 -17.95
CA ILE B 5 -13.38 3.58 -18.91
C ILE B 5 -14.76 3.02 -19.24
N THR B 6 -15.11 3.04 -20.52
CA THR B 6 -16.40 2.52 -20.94
C THR B 6 -16.32 1.21 -21.70
N THR B 7 -15.14 0.85 -22.23
CA THR B 7 -14.95 -0.44 -22.88
C THR B 7 -14.64 -1.52 -21.85
N HIS B 8 -15.46 -2.56 -21.83
CA HIS B 8 -15.29 -3.66 -20.89
C HIS B 8 -14.05 -4.48 -21.22
N PHE B 9 -13.58 -5.25 -20.24
CA PHE B 9 -12.57 -6.29 -20.47
C PHE B 9 -13.12 -7.34 -21.43
N MET C 1 -7.01 -21.79 -7.03
CA MET C 1 -6.18 -20.70 -7.55
C MET C 1 -5.05 -20.40 -6.59
N ILE C 2 -4.12 -19.55 -7.02
CA ILE C 2 -2.94 -19.20 -6.22
C ILE C 2 -3.31 -18.11 -5.22
N GLN C 3 -3.01 -18.36 -3.94
CA GLN C 3 -3.32 -17.44 -2.87
C GLN C 3 -2.05 -17.10 -2.10
N ARG C 4 -2.09 -15.97 -1.39
CA ARG C 4 -0.91 -15.48 -0.67
C ARG C 4 -1.28 -15.19 0.78
N THR C 5 -0.49 -15.72 1.70
CA THR C 5 -0.78 -15.58 3.12
C THR C 5 -0.24 -14.24 3.66
N PRO C 6 -0.96 -13.61 4.60
CA PRO C 6 -0.56 -12.27 5.06
C PRO C 6 0.71 -12.26 5.89
N LYS C 7 1.54 -11.25 5.64
CA LYS C 7 2.55 -10.77 6.57
C LYS C 7 1.85 -9.96 7.65
N ILE C 8 2.41 -9.99 8.87
CA ILE C 8 1.81 -9.34 10.03
C ILE C 8 2.89 -8.64 10.83
N GLN C 9 2.69 -7.35 11.12
CA GLN C 9 3.54 -6.61 12.06
C GLN C 9 2.65 -5.87 13.06
N VAL C 10 3.00 -5.97 14.34
N VAL C 10 2.98 -5.99 14.35
CA VAL C 10 2.29 -5.29 15.42
CA VAL C 10 2.27 -5.27 15.40
C VAL C 10 3.28 -4.34 16.09
C VAL C 10 3.25 -4.35 16.10
N TYR C 11 2.88 -3.09 16.24
CA TYR C 11 3.83 -2.07 16.68
C TYR C 11 3.08 -0.81 17.09
N SER C 12 3.77 0.09 17.78
CA SER C 12 3.15 1.33 18.21
C SER C 12 3.47 2.49 17.26
N ARG C 13 2.56 3.46 17.19
CA ARG C 13 2.79 4.64 16.35
C ARG C 13 3.96 5.46 16.87
N HIS C 14 3.98 5.69 18.18
CA HIS C 14 5.03 6.43 18.87
C HIS C 14 5.84 5.51 19.76
N PRO C 15 7.06 5.90 20.14
CA PRO C 15 7.85 5.05 21.05
C PRO C 15 7.06 4.77 22.32
N ALA C 16 7.06 3.50 22.74
CA ALA C 16 6.28 3.09 23.90
C ALA C 16 6.85 3.67 25.18
N GLU C 17 6.00 4.36 25.95
CA GLU C 17 6.35 4.84 27.28
C GLU C 17 5.21 4.45 28.20
N ASN C 18 5.52 3.64 29.22
CA ASN C 18 4.47 3.11 30.09
C ASN C 18 3.65 4.23 30.72
N GLY C 19 2.32 4.08 30.65
CA GLY C 19 1.40 5.07 31.15
C GLY C 19 1.10 6.23 30.23
N LYS C 20 1.75 6.31 29.06
CA LYS C 20 1.48 7.36 28.09
C LYS C 20 0.63 6.82 26.95
N SER C 21 -0.46 7.51 26.66
CA SER C 21 -1.35 7.10 25.57
C SER C 21 -0.59 7.10 24.25
N ASN C 22 -0.97 6.18 23.37
CA ASN C 22 -0.26 5.87 22.14
C ASN C 22 -1.29 5.27 21.17
N PHE C 23 -0.81 4.71 20.06
CA PHE C 23 -1.68 3.99 19.14
C PHE C 23 -1.03 2.64 18.83
N LEU C 24 -1.85 1.60 18.90
CA LEU C 24 -1.43 0.22 18.59
C LEU C 24 -1.83 -0.09 17.15
N ASN C 25 -0.87 -0.51 16.35
CA ASN C 25 -1.04 -0.80 14.93
C ASN C 25 -0.88 -2.29 14.66
N CYS C 26 -1.71 -2.81 13.76
CA CYS C 26 -1.49 -4.14 13.19
C CYS C 26 -1.55 -3.95 11.68
N TYR C 27 -0.41 -4.16 11.02
CA TYR C 27 -0.25 -3.96 9.58
C TYR C 27 -0.21 -5.35 8.95
N VAL C 28 -1.22 -5.65 8.12
CA VAL C 28 -1.26 -6.90 7.37
C VAL C 28 -1.05 -6.56 5.91
N SER C 29 -0.24 -7.36 5.24
CA SER C 29 0.17 -7.06 3.88
C SER C 29 0.55 -8.34 3.17
N GLY C 30 0.72 -8.22 1.85
CA GLY C 30 1.18 -9.34 1.06
C GLY C 30 0.17 -10.44 0.83
N PHE C 31 -1.12 -10.21 1.08
CA PHE C 31 -2.10 -11.28 1.01
C PHE C 31 -3.00 -11.15 -0.21
N HIS C 32 -3.59 -12.28 -0.60
CA HIS C 32 -4.52 -12.40 -1.70
C HIS C 32 -5.26 -13.72 -1.46
N PRO C 33 -6.60 -13.73 -1.48
CA PRO C 33 -7.49 -12.63 -1.84
C PRO C 33 -7.64 -11.59 -0.73
N SER C 34 -8.53 -10.62 -0.92
CA SER C 34 -8.54 -9.43 -0.10
C SER C 34 -9.31 -9.59 1.20
N ASP C 35 -10.24 -10.53 1.29
CA ASP C 35 -10.96 -10.73 2.55
C ASP C 35 -10.00 -11.16 3.65
N ILE C 36 -10.12 -10.51 4.82
CA ILE C 36 -9.26 -10.84 5.94
C ILE C 36 -9.95 -10.36 7.21
N GLU C 37 -9.70 -11.07 8.31
CA GLU C 37 -10.28 -10.76 9.61
C GLU C 37 -9.12 -10.42 10.55
N VAL C 38 -9.18 -9.23 11.13
CA VAL C 38 -8.11 -8.73 12.00
C VAL C 38 -8.72 -8.22 13.30
N ASP C 39 -8.21 -8.71 14.42
CA ASP C 39 -8.59 -8.28 15.76
C ASP C 39 -7.36 -7.79 16.52
N LEU C 40 -7.53 -6.71 17.28
CA LEU C 40 -6.55 -6.30 18.27
C LEU C 40 -7.03 -6.79 19.63
N LEU C 41 -6.11 -7.38 20.39
CA LEU C 41 -6.40 -7.98 21.68
C LEU C 41 -5.71 -7.22 22.81
N LYS C 42 -6.40 -7.08 23.95
CA LYS C 42 -5.81 -6.58 25.19
C LYS C 42 -6.04 -7.64 26.26
N ASN C 43 -4.96 -8.25 26.74
CA ASN C 43 -5.04 -9.37 27.66
C ASN C 43 -5.99 -10.44 27.13
N GLY C 44 -5.80 -10.81 25.87
CA GLY C 44 -6.56 -11.87 25.23
C GLY C 44 -7.96 -11.52 24.80
N GLU C 45 -8.50 -10.38 25.18
CA GLU C 45 -9.87 -10.01 24.82
C GLU C 45 -9.89 -9.01 23.67
N ARG C 46 -10.95 -9.07 22.87
CA ARG C 46 -11.03 -8.26 21.65
C ARG C 46 -11.32 -6.81 21.98
N ILE C 47 -10.48 -5.90 21.46
CA ILE C 47 -10.74 -4.48 21.57
C ILE C 47 -11.86 -4.09 20.62
N GLU C 48 -12.79 -3.27 21.09
N GLU C 48 -12.80 -3.27 21.10
CA GLU C 48 -13.93 -2.88 20.28
CA GLU C 48 -13.96 -2.85 20.33
C GLU C 48 -13.63 -1.57 19.53
C GLU C 48 -13.63 -1.57 19.53
N LYS C 49 -14.35 -1.38 18.43
CA LYS C 49 -14.28 -0.13 17.65
C LYS C 49 -12.87 0.16 17.12
N VAL C 50 -12.15 -0.89 16.75
CA VAL C 50 -10.90 -0.74 16.01
C VAL C 50 -11.21 -0.17 14.63
N GLU C 51 -10.37 0.75 14.16
CA GLU C 51 -10.54 1.34 12.83
C GLU C 51 -9.51 0.77 11.86
N HIS C 52 -9.74 1.00 10.57
CA HIS C 52 -8.79 0.49 9.58
C HIS C 52 -8.75 1.39 8.35
N SER C 53 -7.67 1.22 7.59
CA SER C 53 -7.44 1.93 6.32
C SER C 53 -8.35 1.41 5.22
N ASP C 54 -8.41 2.17 4.11
CA ASP C 54 -9.13 1.75 2.93
C ASP C 54 -8.30 0.73 2.16
N LEU C 55 -8.97 -0.32 1.66
CA LEU C 55 -8.29 -1.37 0.91
C LEU C 55 -7.52 -0.82 -0.30
N SER C 56 -6.23 -1.13 -0.34
CA SER C 56 -5.40 -0.85 -1.50
C SER C 56 -4.41 -1.99 -1.67
N PHE C 57 -3.54 -1.85 -2.67
CA PHE C 57 -2.62 -2.94 -2.98
C PHE C 57 -1.28 -2.42 -3.50
N SER C 58 -0.30 -3.31 -3.40
CA SER C 58 1.09 -3.04 -3.77
C SER C 58 1.36 -3.34 -5.25
N LYS C 59 2.58 -3.03 -5.70
CA LYS C 59 2.94 -3.24 -7.09
C LYS C 59 2.74 -4.69 -7.52
N ASP C 60 3.00 -5.65 -6.62
CA ASP C 60 2.80 -7.05 -6.96
C ASP C 60 1.35 -7.50 -6.81
N TRP C 61 0.38 -6.59 -6.66
CA TRP C 61 -1.07 -6.83 -6.58
C TRP C 61 -1.50 -7.36 -5.22
N SER C 62 -0.58 -7.61 -4.28
CA SER C 62 -1.02 -8.09 -2.98
C SER C 62 -1.58 -6.94 -2.16
N PHE C 63 -2.54 -7.26 -1.30
CA PHE C 63 -3.31 -6.27 -0.55
C PHE C 63 -2.61 -5.91 0.75
N TYR C 64 -2.97 -4.75 1.29
CA TYR C 64 -2.48 -4.34 2.60
C TYR C 64 -3.54 -3.51 3.31
N LEU C 65 -3.58 -3.65 4.64
CA LEU C 65 -4.48 -2.91 5.51
C LEU C 65 -3.77 -2.58 6.80
N LEU C 66 -4.12 -1.43 7.37
CA LEU C 66 -3.67 -1.02 8.70
C LEU C 66 -4.86 -0.95 9.64
N TYR C 67 -4.82 -1.75 10.71
CA TYR C 67 -5.78 -1.69 11.80
C TYR C 67 -5.14 -0.97 12.98
N TYR C 68 -5.91 -0.11 13.65
CA TYR C 68 -5.28 0.71 14.68
C TYR C 68 -6.31 1.11 15.73
N THR C 69 -5.79 1.35 16.94
CA THR C 69 -6.63 1.77 18.06
C THR C 69 -5.75 2.48 19.08
N GLU C 70 -6.35 3.41 19.83
CA GLU C 70 -5.67 4.00 20.98
C GLU C 70 -5.37 2.95 22.04
N PHE C 71 -4.21 3.08 22.69
CA PHE C 71 -3.88 2.21 23.82
C PHE C 71 -2.84 2.90 24.68
N THR C 72 -2.79 2.49 25.95
CA THR C 72 -1.80 2.99 26.89
C THR C 72 -0.95 1.83 27.37
N PRO C 73 0.28 1.68 26.87
CA PRO C 73 1.12 0.56 27.28
C PRO C 73 1.47 0.63 28.77
N THR C 74 1.54 -0.53 29.39
CA THR C 74 1.96 -0.68 30.77
C THR C 74 2.98 -1.82 30.83
N GLU C 75 3.56 -2.03 32.00
CA GLU C 75 4.53 -3.11 32.15
C GLU C 75 3.87 -4.47 32.01
N LYS C 76 2.64 -4.62 32.51
CA LYS C 76 2.01 -5.94 32.61
C LYS C 76 1.02 -6.25 31.50
N ASP C 77 0.28 -5.26 30.99
CA ASP C 77 -0.75 -5.54 29.98
C ASP C 77 -0.14 -6.11 28.72
N GLU C 78 -0.75 -7.17 28.20
CA GLU C 78 -0.30 -7.83 26.97
C GLU C 78 -1.18 -7.40 25.80
N TYR C 79 -0.56 -7.04 24.69
CA TYR C 79 -1.30 -6.66 23.48
C TYR C 79 -0.91 -7.59 22.35
N ALA C 80 -1.84 -7.79 21.41
CA ALA C 80 -1.58 -8.70 20.31
C ALA C 80 -2.54 -8.40 19.16
N CYS C 81 -2.24 -9.01 18.02
CA CYS C 81 -3.07 -8.95 16.83
C CYS C 81 -3.40 -10.37 16.40
N ARG C 82 -4.69 -10.61 16.12
CA ARG C 82 -5.17 -11.93 15.69
C ARG C 82 -5.71 -11.81 14.28
N VAL C 83 -5.18 -12.63 13.37
CA VAL C 83 -5.45 -12.54 11.94
C VAL C 83 -5.97 -13.89 11.44
N ASN C 84 -7.07 -13.85 10.71
CA ASN C 84 -7.55 -15.03 9.99
CA ASN C 84 -7.59 -15.02 10.00
C ASN C 84 -7.70 -14.69 8.52
N HIS C 85 -7.41 -15.68 7.68
CA HIS C 85 -7.37 -15.53 6.23
C HIS C 85 -7.58 -16.92 5.66
N VAL C 86 -8.08 -16.99 4.42
CA VAL C 86 -8.39 -18.29 3.83
C VAL C 86 -7.14 -19.18 3.77
N THR C 87 -5.95 -18.58 3.73
CA THR C 87 -4.72 -19.37 3.70
C THR C 87 -4.35 -19.99 5.03
N LEU C 88 -5.03 -19.63 6.11
CA LEU C 88 -4.67 -20.07 7.46
C LEU C 88 -5.67 -21.09 7.96
N SER C 89 -5.16 -22.23 8.45
CA SER C 89 -6.05 -23.21 9.05
C SER C 89 -6.51 -22.79 10.44
N GLN C 90 -5.66 -22.07 11.16
CA GLN C 90 -5.96 -21.51 12.47
C GLN C 90 -5.66 -20.02 12.45
N PRO C 91 -6.35 -19.20 13.26
CA PRO C 91 -5.96 -17.79 13.36
C PRO C 91 -4.52 -17.66 13.85
N LYS C 92 -3.84 -16.64 13.35
CA LYS C 92 -2.46 -16.37 13.70
C LYS C 92 -2.43 -15.23 14.72
N ILE C 93 -1.77 -15.46 15.85
CA ILE C 93 -1.66 -14.44 16.90
C ILE C 93 -0.22 -13.97 16.91
N VAL C 94 -0.02 -12.66 16.81
CA VAL C 94 1.30 -12.05 16.94
C VAL C 94 1.25 -11.07 18.10
N LYS C 95 2.12 -11.29 19.08
CA LYS C 95 2.15 -10.45 20.27
C LYS C 95 2.89 -9.15 20.00
N TRP C 96 2.39 -8.08 20.62
CA TRP C 96 3.11 -6.81 20.58
C TRP C 96 4.35 -6.87 21.47
N ASP C 97 5.48 -6.51 20.89
CA ASP C 97 6.78 -6.48 21.55
C ASP C 97 7.38 -5.13 21.23
N ARG C 98 7.57 -4.30 22.26
CA ARG C 98 8.00 -2.93 22.04
C ARG C 98 9.39 -2.85 21.42
N ASP C 99 10.15 -3.95 21.40
CA ASP C 99 11.48 -3.98 20.80
C ASP C 99 11.45 -4.26 19.30
N MET C 100 10.27 -4.36 18.71
CA MET C 100 10.15 -4.67 17.28
C MET C 100 9.07 -3.84 16.58
C1 PEG D . 0.52 -15.99 -25.73
O1 PEG D . -0.35 -17.08 -26.02
C2 PEG D . 0.01 -15.16 -24.59
O2 PEG D . 0.58 -13.86 -24.63
C3 PEG D . -0.14 -12.95 -25.47
C4 PEG D . 0.78 -12.39 -26.51
O4 PEG D . 0.12 -11.44 -27.33
C1 EDO E . -13.98 -5.76 -30.94
O1 EDO E . -15.04 -5.18 -30.19
C2 EDO E . -13.61 -7.08 -30.28
O2 EDO E . -12.38 -7.56 -30.84
C1 EDO F . 9.10 16.25 -2.31
O1 EDO F . 9.22 17.21 -3.37
C2 EDO F . 10.06 16.51 -1.14
O2 EDO F . 10.66 17.82 -1.18
#